data_2EQA
#
_entry.id   2EQA
#
_cell.length_a   85.391
_cell.length_b   120.843
_cell.length_c   67.552
_cell.angle_alpha   90.00
_cell.angle_beta   90.00
_cell.angle_gamma   90.00
#
_symmetry.space_group_name_H-M   'C 2 2 2'
#
loop_
_entity.id
_entity.type
_entity.pdbx_description
1 polymer 'Hypothetical protein ST1526'
2 non-polymer 'MAGNESIUM ION'
3 non-polymer 'ADENOSINE MONOPHOSPHATE'
4 water water
#
_entity_poly.entity_id   1
_entity_poly.type   'polypeptide(L)'
_entity_poly.pdbx_seq_one_letter_code
;(MSE)TQIIKIDPLNPEIDKIKIAADVIRNGGTVAFPTETVYGLGANAFDGNACLKIFQAKNRPVDNPLIVHIADFNQLF
EVAKDIPDKVLEIAQIVWPGPLTFVLKKTERVPKEVTAGLDTVAVR(MSE)PAHPIALQLIRESGVPIAAPSANLATRPS
PTKAEDVIVDLNGRVDVIIDGGHTFFGVESTIINVTVEPPVLLRPGPFTIEELKKLFGEIVIPEFAQGKKEAEIALAPG
(MSE)KYKHYAPNTRLLLVENRNIFKDVVSLLSKKYKVALLIPKELSKEFEGLQQIILGSDENLYEVARNLFDSFRELDK
LNVDLGI(MSE)IGFPERGIGFAI(MSE)NRARKASGFSIIKAISDVYKYVNI
;
_entity_poly.pdbx_strand_id   A
#
loop_
_chem_comp.id
_chem_comp.type
_chem_comp.name
_chem_comp.formula
AMP non-polymer 'ADENOSINE MONOPHOSPHATE' 'C10 H14 N5 O7 P'
MG non-polymer 'MAGNESIUM ION' 'Mg 2'
#
# COMPACT_ATOMS: atom_id res chain seq x y z
N THR A 2 -16.95 0.60 16.96
CA THR A 2 -16.03 1.50 16.20
C THR A 2 -16.76 2.79 15.81
N GLN A 3 -16.13 3.94 16.06
CA GLN A 3 -16.75 5.19 15.65
C GLN A 3 -16.22 5.51 14.26
N ILE A 4 -17.13 5.65 13.31
CA ILE A 4 -16.75 5.98 11.94
C ILE A 4 -16.94 7.49 11.82
N ILE A 5 -15.88 8.20 11.50
CA ILE A 5 -15.92 9.66 11.40
C ILE A 5 -15.62 10.14 9.98
N LYS A 6 -16.59 10.81 9.38
CA LYS A 6 -16.42 11.34 8.02
C LYS A 6 -15.67 12.65 8.10
N ILE A 7 -14.49 12.69 7.49
CA ILE A 7 -13.67 13.90 7.49
C ILE A 7 -13.25 14.25 6.07
N ASP A 8 -13.34 15.54 5.74
CA ASP A 8 -12.97 16.02 4.41
C ASP A 8 -11.46 15.81 4.24
N PRO A 9 -11.05 15.01 3.25
CA PRO A 9 -9.63 14.74 3.03
C PRO A 9 -8.76 15.92 2.59
N LEU A 10 -9.35 16.90 1.92
CA LEU A 10 -8.58 18.05 1.44
C LEU A 10 -8.61 19.25 2.38
N ASN A 11 -9.63 19.33 3.21
CA ASN A 11 -9.74 20.43 4.16
C ASN A 11 -10.41 19.85 5.39
N PRO A 12 -9.70 18.99 6.12
CA PRO A 12 -10.22 18.34 7.31
C PRO A 12 -10.69 19.26 8.44
N GLU A 13 -11.84 18.90 9.01
CA GLU A 13 -12.43 19.63 10.11
C GLU A 13 -11.59 19.30 11.34
N ILE A 14 -10.83 20.28 11.82
CA ILE A 14 -9.94 20.06 12.95
C ILE A 14 -10.61 19.49 14.21
N ASP A 15 -11.86 19.85 14.46
CA ASP A 15 -12.55 19.32 15.63
C ASP A 15 -12.79 17.82 15.50
N LYS A 16 -12.99 17.35 14.26
CA LYS A 16 -13.20 15.92 14.03
C LYS A 16 -11.85 15.20 14.17
N ILE A 17 -10.81 15.81 13.63
CA ILE A 17 -9.46 15.22 13.73
C ILE A 17 -9.12 15.03 15.20
N LYS A 18 -9.44 16.04 16.02
CA LYS A 18 -9.16 15.99 17.45
C LYS A 18 -9.80 14.80 18.15
N ILE A 19 -10.98 14.39 17.71
CA ILE A 19 -11.66 13.24 18.31
C ILE A 19 -10.80 12.00 18.11
N ALA A 20 -10.26 11.84 16.90
CA ALA A 20 -9.41 10.69 16.58
C ALA A 20 -8.07 10.80 17.29
N ALA A 21 -7.54 12.01 17.38
CA ALA A 21 -6.26 12.24 18.05
C ALA A 21 -6.36 11.87 19.54
N ASP A 22 -7.50 12.19 20.15
CA ASP A 22 -7.71 11.87 21.57
C ASP A 22 -7.60 10.36 21.76
N VAL A 23 -8.10 9.61 20.79
CA VAL A 23 -8.05 8.15 20.85
C VAL A 23 -6.60 7.68 20.79
N ILE A 24 -5.84 8.24 19.87
CA ILE A 24 -4.43 7.88 19.73
C ILE A 24 -3.70 8.11 21.06
N ARG A 25 -3.87 9.31 21.62
CA ARG A 25 -3.21 9.67 22.88
C ARG A 25 -3.64 8.80 24.05
N ASN A 26 -4.79 8.14 23.91
CA ASN A 26 -5.31 7.29 24.97
C ASN A 26 -4.95 5.81 24.75
N GLY A 27 -4.10 5.56 23.76
CA GLY A 27 -3.68 4.19 23.48
C GLY A 27 -4.61 3.37 22.61
N GLY A 28 -5.49 4.03 21.88
CA GLY A 28 -6.43 3.34 21.01
C GLY A 28 -5.96 3.28 19.57
N THR A 29 -6.75 2.64 18.71
CA THR A 29 -6.40 2.50 17.30
C THR A 29 -7.30 3.32 16.38
N VAL A 30 -6.68 3.91 15.37
CA VAL A 30 -7.39 4.74 14.39
C VAL A 30 -6.97 4.42 12.96
N ALA A 31 -7.94 4.06 12.12
CA ALA A 31 -7.66 3.79 10.71
C ALA A 31 -7.81 5.15 10.03
N PHE A 32 -6.84 5.51 9.19
CA PHE A 32 -6.86 6.80 8.52
C PHE A 32 -6.32 6.75 7.10
N PRO A 33 -6.81 7.65 6.24
CA PRO A 33 -6.35 7.68 4.84
C PRO A 33 -4.98 8.37 4.72
N THR A 34 -4.24 8.03 3.67
CA THR A 34 -2.96 8.68 3.38
C THR A 34 -2.95 8.79 1.85
N GLU A 35 -1.88 9.32 1.29
CA GLU A 35 -1.80 9.44 -0.17
C GLU A 35 -1.55 8.08 -0.84
N THR A 36 -1.15 7.08 -0.07
CA THR A 36 -0.88 5.75 -0.62
C THR A 36 -2.08 4.82 -0.41
N VAL A 37 -2.18 4.27 0.80
CA VAL A 37 -3.30 3.39 1.15
C VAL A 37 -3.72 3.76 2.58
N TYR A 38 -4.88 3.29 3.04
CA TYR A 38 -5.28 3.59 4.41
C TYR A 38 -4.36 2.89 5.38
N GLY A 39 -4.12 3.50 6.54
CA GLY A 39 -3.27 2.87 7.53
C GLY A 39 -4.04 2.65 8.83
N LEU A 40 -3.58 1.72 9.66
CA LEU A 40 -4.21 1.46 10.95
C LEU A 40 -3.13 1.86 11.95
N GLY A 41 -3.36 2.96 12.68
CA GLY A 41 -2.32 3.41 13.58
C GLY A 41 -2.57 3.50 15.06
N ALA A 42 -1.48 3.70 15.79
CA ALA A 42 -1.49 3.85 17.24
C ALA A 42 -0.25 4.66 17.61
N ASN A 43 -0.23 5.15 18.85
CA ASN A 43 0.88 5.94 19.37
C ASN A 43 2.16 5.11 19.19
N ALA A 44 3.07 5.59 18.35
CA ALA A 44 4.30 4.86 18.06
C ALA A 44 5.18 4.60 19.29
N PHE A 45 4.98 5.37 20.36
CA PHE A 45 5.78 5.19 21.58
C PHE A 45 5.12 4.20 22.55
N ASP A 46 3.88 3.80 22.23
CA ASP A 46 3.13 2.88 23.09
C ASP A 46 3.12 1.47 22.53
N GLY A 47 3.99 0.61 23.06
CA GLY A 47 4.06 -0.76 22.57
C GLY A 47 2.75 -1.52 22.69
N ASN A 48 2.09 -1.41 23.84
CA ASN A 48 0.83 -2.11 24.05
C ASN A 48 -0.24 -1.63 23.08
N ALA A 49 -0.26 -0.33 22.81
CA ALA A 49 -1.24 0.21 21.88
C ALA A 49 -0.95 -0.34 20.49
N CYS A 50 0.32 -0.38 20.12
CA CYS A 50 0.70 -0.89 18.81
C CYS A 50 0.35 -2.36 18.63
N LEU A 51 0.37 -3.14 19.71
CA LEU A 51 0.03 -4.56 19.60
C LEU A 51 -1.44 -4.68 19.18
N LYS A 52 -2.25 -3.70 19.54
CA LYS A 52 -3.67 -3.73 19.17
C LYS A 52 -3.81 -3.70 17.65
N ILE A 53 -2.84 -3.11 16.98
CA ILE A 53 -2.86 -3.04 15.52
C ILE A 53 -2.71 -4.46 14.96
N PHE A 54 -1.77 -5.22 15.52
CA PHE A 54 -1.55 -6.59 15.08
C PHE A 54 -2.78 -7.43 15.38
N GLN A 55 -3.38 -7.20 16.54
CA GLN A 55 -4.57 -7.95 16.94
C GLN A 55 -5.75 -7.68 16.00
N ALA A 56 -5.94 -6.42 15.61
CA ALA A 56 -7.04 -6.08 14.72
C ALA A 56 -6.88 -6.68 13.31
N LYS A 57 -5.64 -6.72 12.82
CA LYS A 57 -5.36 -7.25 11.48
C LYS A 57 -5.02 -8.74 11.48
N ASN A 58 -4.65 -9.26 12.64
CA ASN A 58 -4.19 -10.63 12.83
C ASN A 58 -2.93 -10.77 12.00
N ARG A 59 -2.05 -9.79 12.21
CA ARG A 59 -0.79 -9.70 11.51
C ARG A 59 0.31 -10.44 12.27
N PRO A 60 1.17 -11.18 11.54
CA PRO A 60 2.26 -11.90 12.21
C PRO A 60 3.09 -10.84 12.93
N VAL A 61 3.35 -11.09 14.21
CA VAL A 61 4.08 -10.16 15.06
C VAL A 61 5.46 -9.70 14.59
N ASP A 62 6.09 -10.44 13.68
CA ASP A 62 7.42 -10.04 13.22
C ASP A 62 7.43 -9.20 11.96
N ASN A 63 6.26 -8.75 11.53
CA ASN A 63 6.17 -7.90 10.34
C ASN A 63 6.04 -6.47 10.91
N PRO A 64 7.14 -5.70 10.88
CA PRO A 64 7.25 -4.33 11.37
C PRO A 64 6.31 -3.29 10.78
N LEU A 65 6.13 -2.20 11.52
CA LEU A 65 5.25 -1.11 11.12
C LEU A 65 6.05 0.08 10.60
N ILE A 66 5.35 1.04 10.00
CA ILE A 66 6.00 2.24 9.51
C ILE A 66 5.56 3.37 10.44
N VAL A 67 6.54 4.14 10.90
CA VAL A 67 6.26 5.26 11.80
C VAL A 67 6.00 6.50 10.97
N HIS A 68 4.83 7.10 11.17
CA HIS A 68 4.44 8.29 10.43
C HIS A 68 4.65 9.53 11.28
N ILE A 69 5.36 10.51 10.74
CA ILE A 69 5.65 11.75 11.47
C ILE A 69 5.06 12.94 10.72
N ALA A 70 4.94 14.07 11.41
CA ALA A 70 4.36 15.27 10.81
C ALA A 70 5.36 16.43 10.73
N ASP A 71 6.51 16.26 11.37
CA ASP A 71 7.54 17.30 11.33
C ASP A 71 8.89 16.66 11.63
N PHE A 72 9.97 17.40 11.39
CA PHE A 72 11.30 16.86 11.62
C PHE A 72 11.71 16.68 13.07
N ASN A 73 11.09 17.43 13.97
CA ASN A 73 11.43 17.25 15.38
C ASN A 73 11.09 15.80 15.74
N GLN A 74 9.99 15.30 15.20
CA GLN A 74 9.55 13.93 15.45
C GLN A 74 10.50 12.91 14.83
N LEU A 75 11.10 13.24 13.68
CA LEU A 75 12.03 12.32 13.04
C LEU A 75 13.12 11.92 14.02
N PHE A 76 13.69 12.91 14.70
CA PHE A 76 14.77 12.68 15.66
C PHE A 76 14.35 12.01 16.97
N GLU A 77 13.05 11.84 17.17
CA GLU A 77 12.56 11.18 18.38
C GLU A 77 12.59 9.67 18.15
N VAL A 78 12.43 9.27 16.89
CA VAL A 78 12.39 7.86 16.54
C VAL A 78 13.60 7.32 15.77
N ALA A 79 14.38 8.19 15.14
CA ALA A 79 15.55 7.76 14.39
C ALA A 79 16.80 8.53 14.79
N LYS A 80 17.97 7.93 14.57
CA LYS A 80 19.24 8.56 14.93
C LYS A 80 20.36 8.20 13.95
N ASP A 81 21.50 8.87 14.08
CA ASP A 81 22.65 8.62 13.20
C ASP A 81 22.25 8.70 11.74
N ILE A 82 21.43 9.70 11.42
CA ILE A 82 20.96 9.89 10.06
C ILE A 82 22.04 10.63 9.26
N PRO A 83 22.47 10.05 8.13
CA PRO A 83 23.49 10.68 7.29
C PRO A 83 23.05 12.08 6.83
N ASP A 84 23.98 13.01 6.76
CA ASP A 84 23.65 14.37 6.34
C ASP A 84 22.93 14.42 5.00
N LYS A 85 23.36 13.57 4.05
CA LYS A 85 22.73 13.56 2.73
C LYS A 85 21.27 13.10 2.83
N VAL A 86 21.02 12.11 3.68
CA VAL A 86 19.67 11.60 3.88
C VAL A 86 18.77 12.69 4.48
N LEU A 87 19.30 13.42 5.45
CA LEU A 87 18.52 14.48 6.07
C LEU A 87 18.19 15.57 5.06
N GLU A 88 19.16 15.95 4.24
CA GLU A 88 18.96 16.98 3.22
C GLU A 88 17.87 16.55 2.24
N ILE A 89 17.93 15.29 1.82
CA ILE A 89 16.96 14.76 0.88
C ILE A 89 15.58 14.59 1.50
N ALA A 90 15.53 14.15 2.76
CA ALA A 90 14.24 13.97 3.42
C ALA A 90 13.49 15.31 3.45
N GLN A 91 14.23 16.39 3.61
CA GLN A 91 13.63 17.71 3.66
C GLN A 91 13.02 18.21 2.35
N ILE A 92 13.32 17.54 1.24
CA ILE A 92 12.74 17.95 -0.04
C ILE A 92 11.72 16.94 -0.58
N VAL A 93 11.69 15.72 -0.03
CA VAL A 93 10.73 14.72 -0.49
C VAL A 93 9.54 14.52 0.43
N TRP A 94 9.63 15.07 1.65
CA TRP A 94 8.55 14.94 2.61
C TRP A 94 7.80 16.25 2.77
N PRO A 95 6.46 16.19 2.96
CA PRO A 95 5.64 14.98 3.01
C PRO A 95 5.63 14.31 1.65
N GLY A 96 5.65 12.97 1.62
CA GLY A 96 5.64 12.26 0.35
C GLY A 96 5.58 10.76 0.53
N PRO A 97 5.24 10.00 -0.54
CA PRO A 97 5.13 8.54 -0.52
C PRO A 97 6.48 7.80 -0.57
N LEU A 98 7.43 8.25 0.24
CA LEU A 98 8.75 7.63 0.30
C LEU A 98 9.09 7.35 1.76
N THR A 99 9.40 6.10 2.04
CA THR A 99 9.74 5.65 3.38
C THR A 99 11.23 5.34 3.49
N PHE A 100 11.86 5.80 4.56
CA PHE A 100 13.29 5.58 4.80
C PHE A 100 13.49 4.60 5.94
N VAL A 101 14.35 3.60 5.74
CA VAL A 101 14.66 2.68 6.82
C VAL A 101 15.90 3.29 7.47
N LEU A 102 15.80 3.62 8.75
CA LEU A 102 16.87 4.28 9.48
C LEU A 102 17.18 3.54 10.78
N LYS A 103 18.22 4.00 11.48
CA LYS A 103 18.57 3.39 12.76
C LYS A 103 17.61 3.96 13.80
N LYS A 104 17.02 3.08 14.61
CA LYS A 104 16.06 3.51 15.62
C LYS A 104 16.68 4.03 16.91
N THR A 105 15.87 4.76 17.66
CA THR A 105 16.28 5.29 18.96
C THR A 105 15.68 4.35 20.00
N GLU A 106 16.11 4.50 21.24
CA GLU A 106 15.62 3.65 22.32
C GLU A 106 14.13 3.88 22.65
N ARG A 107 13.55 4.93 22.09
CA ARG A 107 12.14 5.23 22.36
C ARG A 107 11.16 4.41 21.51
N VAL A 108 11.67 3.73 20.48
CA VAL A 108 10.81 2.94 19.62
C VAL A 108 10.62 1.53 20.15
N PRO A 109 9.37 1.15 20.48
CA PRO A 109 9.00 -0.16 21.01
C PRO A 109 9.32 -1.33 20.09
N LYS A 110 9.54 -2.50 20.68
CA LYS A 110 9.84 -3.69 19.90
C LYS A 110 8.66 -4.03 18.98
N GLU A 111 7.46 -3.71 19.44
CA GLU A 111 6.24 -3.98 18.68
C GLU A 111 6.26 -3.28 17.32
N VAL A 112 6.89 -2.11 17.27
CA VAL A 112 6.96 -1.33 16.02
C VAL A 112 8.03 -1.82 15.05
N THR A 113 9.19 -2.18 15.57
CA THR A 113 10.30 -2.61 14.73
C THR A 113 10.51 -4.11 14.61
N ALA A 114 9.63 -4.90 15.22
CA ALA A 114 9.77 -6.36 15.17
C ALA A 114 11.12 -6.75 15.76
N GLY A 115 11.58 -5.96 16.73
CA GLY A 115 12.86 -6.25 17.36
C GLY A 115 14.09 -5.83 16.58
N LEU A 116 13.90 -5.42 15.34
CA LEU A 116 15.01 -4.99 14.48
C LEU A 116 15.66 -3.72 15.03
N ASP A 117 16.92 -3.49 14.66
CA ASP A 117 17.66 -2.32 15.09
C ASP A 117 17.31 -1.10 14.25
N THR A 118 16.47 -1.30 13.23
CA THR A 118 16.09 -0.20 12.35
C THR A 118 14.60 0.10 12.44
N VAL A 119 14.21 1.28 11.97
CA VAL A 119 12.81 1.70 11.97
C VAL A 119 12.51 2.34 10.62
N ALA A 120 11.31 2.06 10.10
CA ALA A 120 10.88 2.61 8.81
C ALA A 120 10.07 3.85 9.13
N VAL A 121 10.40 4.97 8.48
CA VAL A 121 9.73 6.24 8.74
C VAL A 121 9.32 6.98 7.48
N ARG A 122 8.20 7.68 7.55
CA ARG A 122 7.74 8.50 6.43
C ARG A 122 6.80 9.59 6.93
N MSE A 123 6.72 10.68 6.17
CA MSE A 123 5.84 11.81 6.49
C MSE A 123 4.77 11.78 5.40
O MSE A 123 5.03 12.15 4.25
CB MSE A 123 6.61 13.12 6.43
CG MSE A 123 5.84 14.30 7.00
SE MSE A 123 6.85 15.96 6.90
CE MSE A 123 8.21 15.56 8.22
N PRO A 124 3.54 11.33 5.74
CA PRO A 124 2.45 11.25 4.77
C PRO A 124 1.93 12.54 4.17
N ALA A 125 1.88 12.59 2.84
CA ALA A 125 1.38 13.74 2.13
C ALA A 125 -0.14 13.65 1.97
N HIS A 126 -0.85 13.76 3.09
CA HIS A 126 -2.32 13.73 3.11
C HIS A 126 -2.75 14.59 4.30
N PRO A 127 -3.59 15.60 4.08
CA PRO A 127 -4.04 16.48 5.17
C PRO A 127 -4.57 15.79 6.42
N ILE A 128 -5.39 14.75 6.24
CA ILE A 128 -5.94 14.05 7.39
C ILE A 128 -4.85 13.35 8.19
N ALA A 129 -3.96 12.64 7.48
CA ALA A 129 -2.87 11.94 8.16
C ALA A 129 -1.95 12.91 8.89
N LEU A 130 -1.53 13.97 8.20
CA LEU A 130 -0.65 14.96 8.80
C LEU A 130 -1.30 15.64 10.00
N GLN A 131 -2.56 16.06 9.86
CA GLN A 131 -3.24 16.72 10.97
C GLN A 131 -3.48 15.77 12.14
N LEU A 132 -3.77 14.51 11.84
CA LEU A 132 -4.02 13.53 12.90
C LEU A 132 -2.76 13.38 13.75
N ILE A 133 -1.61 13.29 13.08
CA ILE A 133 -0.33 13.15 13.77
C ILE A 133 -0.04 14.41 14.60
N ARG A 134 -0.22 15.58 14.00
CA ARG A 134 0.02 16.85 14.68
C ARG A 134 -0.81 17.01 15.94
N GLU A 135 -2.12 16.77 15.82
CA GLU A 135 -3.01 16.90 16.97
C GLU A 135 -2.78 15.82 18.01
N SER A 136 -2.27 14.66 17.57
CA SER A 136 -2.00 13.57 18.51
C SER A 136 -0.76 13.91 19.33
N GLY A 137 0.16 14.66 18.74
CA GLY A 137 1.37 15.05 19.44
C GLY A 137 2.42 13.95 19.53
N VAL A 138 2.21 12.86 18.79
CA VAL A 138 3.14 11.74 18.78
C VAL A 138 3.18 11.10 17.40
N PRO A 139 4.32 10.48 17.05
CA PRO A 139 4.40 9.82 15.74
C PRO A 139 3.38 8.69 15.81
N ILE A 140 2.86 8.27 14.67
CA ILE A 140 1.88 7.20 14.64
C ILE A 140 2.41 6.02 13.84
N ALA A 141 2.50 4.86 14.50
CA ALA A 141 2.99 3.65 13.83
C ALA A 141 1.79 3.02 13.13
N ALA A 142 1.97 2.63 11.87
CA ALA A 142 0.86 2.04 11.16
C ALA A 142 1.21 1.29 9.90
N PRO A 143 0.61 0.10 9.71
CA PRO A 143 0.85 -0.71 8.52
C PRO A 143 -0.43 -0.43 7.72
N SER A 144 -0.60 -1.08 6.57
CA SER A 144 -1.82 -0.89 5.78
C SER A 144 -3.00 -1.35 6.66
N ALA A 145 -4.16 -0.74 6.46
CA ALA A 145 -5.34 -1.06 7.27
C ALA A 145 -6.26 -2.17 6.78
N ASN A 146 -5.68 -3.26 6.27
CA ASN A 146 -6.50 -4.37 5.80
C ASN A 146 -6.40 -5.59 6.69
N LEU A 147 -7.40 -6.46 6.62
CA LEU A 147 -7.35 -7.70 7.37
C LEU A 147 -6.23 -8.48 6.70
N ALA A 148 -5.51 -9.27 7.49
CA ALA A 148 -4.38 -10.07 7.04
C ALA A 148 -4.37 -10.57 5.58
N THR A 149 -5.40 -11.32 5.20
CA THR A 149 -5.46 -11.90 3.87
C THR A 149 -6.22 -11.13 2.80
N ARG A 150 -6.36 -9.82 2.96
CA ARG A 150 -7.08 -9.03 1.96
C ARG A 150 -6.18 -7.95 1.41
N PRO A 151 -6.51 -7.40 0.22
CA PRO A 151 -5.72 -6.35 -0.43
C PRO A 151 -5.69 -5.06 0.40
N SER A 152 -4.60 -4.31 0.29
CA SER A 152 -4.48 -3.06 1.02
C SER A 152 -5.68 -2.18 0.66
N PRO A 153 -6.31 -1.55 1.66
CA PRO A 153 -7.49 -0.70 1.47
C PRO A 153 -7.18 0.66 0.86
N THR A 154 -7.98 1.08 -0.12
CA THR A 154 -7.78 2.36 -0.77
C THR A 154 -8.99 3.29 -0.63
N LYS A 155 -10.06 2.79 -0.01
CA LYS A 155 -11.24 3.61 0.21
C LYS A 155 -11.84 3.21 1.55
N ALA A 156 -12.61 4.11 2.14
CA ALA A 156 -13.21 3.86 3.45
C ALA A 156 -13.99 2.55 3.56
N GLU A 157 -14.76 2.22 2.53
CA GLU A 157 -15.56 1.00 2.56
C GLU A 157 -14.70 -0.24 2.78
N ASP A 158 -13.51 -0.27 2.18
CA ASP A 158 -12.59 -1.40 2.33
C ASP A 158 -12.21 -1.59 3.81
N VAL A 159 -11.91 -0.48 4.47
CA VAL A 159 -11.52 -0.51 5.88
C VAL A 159 -12.67 -0.92 6.78
N ILE A 160 -13.87 -0.43 6.46
CA ILE A 160 -15.06 -0.73 7.24
C ILE A 160 -15.38 -2.21 7.17
N VAL A 161 -15.40 -2.77 5.96
CA VAL A 161 -15.68 -4.19 5.79
C VAL A 161 -14.66 -5.04 6.52
N ASP A 162 -13.40 -4.61 6.49
CA ASP A 162 -12.30 -5.32 7.13
C ASP A 162 -12.16 -5.16 8.64
N LEU A 163 -12.24 -3.92 9.12
CA LEU A 163 -12.01 -3.63 10.53
C LEU A 163 -13.15 -3.15 11.41
N ASN A 164 -14.32 -2.93 10.85
CA ASN A 164 -15.42 -2.46 11.69
C ASN A 164 -15.63 -3.42 12.86
N GLY A 165 -15.59 -2.89 14.06
CA GLY A 165 -15.77 -3.72 15.25
C GLY A 165 -14.46 -4.23 15.83
N ARG A 166 -13.35 -3.99 15.12
CA ARG A 166 -12.04 -4.44 15.57
C ARG A 166 -11.08 -3.29 15.91
N VAL A 167 -11.49 -2.06 15.62
CA VAL A 167 -10.67 -0.89 15.93
C VAL A 167 -11.54 0.18 16.58
N ASP A 168 -10.90 1.14 17.26
CA ASP A 168 -11.64 2.18 17.94
C ASP A 168 -12.25 3.24 17.02
N VAL A 169 -11.49 3.63 15.99
CA VAL A 169 -11.96 4.66 15.07
C VAL A 169 -11.56 4.38 13.62
N ILE A 170 -12.46 4.71 12.71
CA ILE A 170 -12.20 4.59 11.29
C ILE A 170 -12.55 5.95 10.73
N ILE A 171 -11.57 6.61 10.14
CA ILE A 171 -11.82 7.92 9.54
C ILE A 171 -12.20 7.68 8.10
N ASP A 172 -13.42 8.07 7.73
CA ASP A 172 -13.88 7.92 6.36
C ASP A 172 -13.38 9.16 5.66
N GLY A 173 -12.25 9.04 4.95
CA GLY A 173 -11.68 10.17 4.27
C GLY A 173 -11.55 10.03 2.77
N GLY A 174 -12.48 9.32 2.15
CA GLY A 174 -12.43 9.16 0.70
C GLY A 174 -11.41 8.17 0.20
N HIS A 175 -11.17 8.21 -1.12
CA HIS A 175 -10.23 7.30 -1.76
C HIS A 175 -8.81 7.85 -1.61
N THR A 176 -7.84 6.97 -1.43
CA THR A 176 -6.45 7.43 -1.31
C THR A 176 -5.96 7.90 -2.68
N PHE A 177 -4.98 8.80 -2.67
CA PHE A 177 -4.48 9.39 -3.91
C PHE A 177 -3.80 8.47 -4.93
N PHE A 178 -2.81 7.68 -4.49
CA PHE A 178 -2.07 6.80 -5.40
C PHE A 178 -2.57 5.35 -5.47
N GLY A 179 -3.03 4.80 -4.35
CA GLY A 179 -3.55 3.45 -4.37
C GLY A 179 -2.56 2.33 -4.09
N VAL A 180 -1.26 2.64 -4.07
CA VAL A 180 -0.27 1.62 -3.76
C VAL A 180 0.66 2.16 -2.68
N GLU A 181 1.21 1.25 -1.89
CA GLU A 181 2.08 1.61 -0.78
C GLU A 181 3.34 2.39 -1.15
N SER A 182 3.82 3.15 -0.18
CA SER A 182 5.00 3.99 -0.34
C SER A 182 6.24 3.23 -0.75
N THR A 183 7.10 3.93 -1.48
CA THR A 183 8.37 3.39 -1.91
C THR A 183 9.20 3.27 -0.63
N ILE A 184 9.94 2.18 -0.48
CA ILE A 184 10.77 2.00 0.71
C ILE A 184 12.23 1.87 0.29
N ILE A 185 13.08 2.68 0.89
CA ILE A 185 14.52 2.64 0.61
C ILE A 185 15.26 2.51 1.93
N ASN A 186 16.21 1.58 1.96
CA ASN A 186 17.02 1.37 3.15
C ASN A 186 18.27 2.22 3.04
N VAL A 187 18.43 3.19 3.93
CA VAL A 187 19.61 4.04 3.88
C VAL A 187 20.55 3.79 5.05
N THR A 188 20.43 2.63 5.69
CA THR A 188 21.32 2.27 6.79
C THR A 188 22.48 1.46 6.23
N VAL A 189 22.41 1.19 4.93
CA VAL A 189 23.47 0.46 4.24
C VAL A 189 23.88 1.33 3.06
N GLU A 190 25.04 1.02 2.47
CA GLU A 190 25.53 1.80 1.34
C GLU A 190 25.95 0.92 0.17
N PRO A 192 22.54 2.51 -0.82
CA PRO A 192 21.16 2.28 -0.37
C PRO A 192 20.46 1.24 -1.24
N VAL A 193 19.44 0.58 -0.68
CA VAL A 193 18.72 -0.45 -1.41
C VAL A 193 17.22 -0.18 -1.44
N LEU A 194 16.61 -0.38 -2.61
CA LEU A 194 15.18 -0.20 -2.77
C LEU A 194 14.50 -1.47 -2.27
N LEU A 195 13.74 -1.36 -1.19
CA LEU A 195 13.07 -2.53 -0.63
C LEU A 195 11.69 -2.74 -1.24
N ARG A 196 11.08 -1.65 -1.69
CA ARG A 196 9.75 -1.74 -2.30
C ARG A 196 9.47 -0.56 -3.21
N PRO A 197 9.11 -0.83 -4.47
CA PRO A 197 8.80 0.26 -5.38
C PRO A 197 7.45 0.85 -5.01
N GLY A 198 7.28 2.14 -5.26
CA GLY A 198 6.02 2.80 -4.94
C GLY A 198 5.81 4.04 -5.79
N PRO A 199 4.95 4.98 -5.33
CA PRO A 199 4.66 6.23 -6.05
C PRO A 199 5.87 7.12 -6.28
N PHE A 200 6.84 7.07 -5.37
CA PHE A 200 8.06 7.84 -5.55
C PHE A 200 8.84 6.92 -6.47
N THR A 201 8.84 7.27 -7.75
CA THR A 201 9.46 6.49 -8.80
C THR A 201 10.96 6.25 -8.66
N ILE A 202 11.42 5.16 -9.26
CA ILE A 202 12.83 4.84 -9.22
C ILE A 202 13.57 5.86 -10.09
N GLU A 203 12.86 6.42 -11.08
CA GLU A 203 13.47 7.43 -11.94
C GLU A 203 13.93 8.62 -11.10
N GLU A 204 13.06 9.07 -10.19
CA GLU A 204 13.41 10.20 -9.33
C GLU A 204 14.43 9.79 -8.26
N LEU A 205 14.30 8.56 -7.75
CA LEU A 205 15.22 8.06 -6.72
C LEU A 205 16.66 8.00 -7.21
N LYS A 206 16.87 7.45 -8.41
CA LYS A 206 18.21 7.33 -8.97
C LYS A 206 18.89 8.68 -9.14
N LYS A 207 18.09 9.74 -9.26
CA LYS A 207 18.63 11.08 -9.42
C LYS A 207 19.11 11.62 -8.08
N LEU A 208 18.54 11.10 -6.99
CA LEU A 208 18.90 11.53 -5.64
C LEU A 208 19.90 10.55 -5.03
N PHE A 209 19.75 9.27 -5.35
CA PHE A 209 20.63 8.22 -4.85
C PHE A 209 21.12 7.42 -6.06
N GLY A 210 22.02 8.03 -6.83
CA GLY A 210 22.55 7.37 -8.02
C GLY A 210 23.09 5.96 -7.86
N GLU A 211 23.54 5.61 -6.65
CA GLU A 211 24.09 4.29 -6.41
C GLU A 211 23.07 3.30 -5.84
N ILE A 212 21.81 3.71 -5.80
CA ILE A 212 20.76 2.85 -5.26
C ILE A 212 20.70 1.48 -5.95
N VAL A 213 20.62 0.43 -5.13
CA VAL A 213 20.55 -0.94 -5.62
C VAL A 213 19.10 -1.38 -5.77
N ILE A 214 18.76 -1.83 -6.97
CA ILE A 214 17.40 -2.29 -7.25
C ILE A 214 17.32 -3.80 -7.26
N TYR A 234 7.12 -16.94 1.85
CA TYR A 234 6.05 -17.84 1.35
C TYR A 234 4.65 -17.27 1.62
N LYS A 235 4.57 -15.95 1.76
CA LYS A 235 3.30 -15.30 2.02
C LYS A 235 2.39 -15.34 0.80
N HIS A 236 1.09 -15.49 1.05
CA HIS A 236 0.12 -15.50 -0.03
C HIS A 236 -0.52 -14.13 -0.11
N TYR A 237 -0.51 -13.54 -1.29
CA TYR A 237 -1.09 -12.22 -1.50
C TYR A 237 -2.46 -12.35 -2.15
N ALA A 238 -3.42 -11.57 -1.68
CA ALA A 238 -4.76 -11.59 -2.25
C ALA A 238 -4.58 -11.16 -3.70
N PRO A 239 -5.51 -11.53 -4.59
CA PRO A 239 -6.73 -12.32 -4.36
C PRO A 239 -6.52 -13.81 -4.12
N ASN A 240 -7.56 -14.46 -3.60
CA ASN A 240 -7.54 -15.90 -3.33
C ASN A 240 -7.84 -16.64 -4.63
N THR A 241 -8.58 -16.00 -5.52
CA THR A 241 -8.91 -16.58 -6.82
C THR A 241 -7.63 -16.60 -7.63
N ARG A 242 -7.42 -17.66 -8.40
CA ARG A 242 -6.23 -17.77 -9.23
C ARG A 242 -6.14 -16.53 -10.12
N LEU A 243 -4.93 -15.97 -10.24
CA LEU A 243 -4.72 -14.78 -11.06
C LEU A 243 -3.47 -14.92 -11.91
N LEU A 244 -3.62 -14.81 -13.22
CA LEU A 244 -2.49 -14.90 -14.13
C LEU A 244 -2.13 -13.51 -14.64
N LEU A 245 -0.84 -13.21 -14.70
CA LEU A 245 -0.39 -11.91 -15.19
C LEU A 245 0.30 -12.07 -16.52
N VAL A 246 -0.33 -11.59 -17.59
CA VAL A 246 0.23 -11.67 -18.94
C VAL A 246 1.04 -10.41 -19.23
N GLU A 247 2.35 -10.52 -19.05
CA GLU A 247 3.25 -9.39 -19.27
C GLU A 247 3.51 -9.03 -20.73
N ASN A 248 3.31 -9.99 -21.64
CA ASN A 248 3.51 -9.76 -23.05
C ASN A 248 2.17 -9.45 -23.71
N ARG A 249 1.89 -8.18 -23.95
CA ARG A 249 0.63 -7.77 -24.56
C ARG A 249 0.34 -8.34 -25.94
N ASN A 250 1.37 -8.82 -26.62
CA ASN A 250 1.18 -9.36 -27.96
C ASN A 250 0.50 -10.73 -28.01
N ILE A 251 0.38 -11.38 -26.85
CA ILE A 251 -0.25 -12.69 -26.80
C ILE A 251 -1.46 -12.70 -25.87
N PHE A 252 -1.86 -11.53 -25.40
CA PHE A 252 -2.99 -11.43 -24.48
C PHE A 252 -4.30 -11.96 -25.06
N LYS A 253 -4.63 -11.54 -26.27
CA LYS A 253 -5.86 -11.99 -26.90
C LYS A 253 -5.89 -13.51 -27.04
N ASP A 254 -4.76 -14.10 -27.41
CA ASP A 254 -4.68 -15.54 -27.59
C ASP A 254 -4.70 -16.29 -26.26
N VAL A 255 -4.17 -15.70 -25.19
CA VAL A 255 -4.20 -16.35 -23.89
C VAL A 255 -5.65 -16.38 -23.42
N VAL A 256 -6.36 -15.28 -23.64
CA VAL A 256 -7.76 -15.19 -23.24
C VAL A 256 -8.61 -16.21 -24.02
N SER A 257 -8.39 -16.29 -25.32
CA SER A 257 -9.14 -17.24 -26.15
C SER A 257 -8.89 -18.67 -25.68
N LEU A 258 -7.63 -18.97 -25.37
CA LEU A 258 -7.25 -20.30 -24.92
C LEU A 258 -7.86 -20.70 -23.58
N LEU A 259 -7.96 -19.73 -22.67
CA LEU A 259 -8.50 -20.01 -21.35
C LEU A 259 -10.01 -19.87 -21.20
N SER A 260 -10.59 -18.83 -21.80
CA SER A 260 -12.02 -18.60 -21.69
C SER A 260 -12.82 -19.73 -22.33
N LYS A 261 -12.13 -20.64 -23.00
CA LYS A 261 -12.78 -21.77 -23.65
C LYS A 261 -13.01 -22.89 -22.64
N LYS A 262 -12.13 -23.00 -21.65
CA LYS A 262 -12.23 -24.05 -20.64
C LYS A 262 -12.53 -23.53 -19.24
N TYR A 263 -12.55 -22.22 -19.07
CA TYR A 263 -12.82 -21.64 -17.74
C TYR A 263 -13.67 -20.39 -17.82
N LYS A 264 -14.30 -20.05 -16.70
CA LYS A 264 -15.10 -18.84 -16.60
C LYS A 264 -14.05 -17.83 -16.12
N VAL A 265 -13.74 -16.85 -16.95
CA VAL A 265 -12.70 -15.90 -16.58
C VAL A 265 -13.17 -14.47 -16.34
N ALA A 266 -12.28 -13.68 -15.74
CA ALA A 266 -12.51 -12.27 -15.48
C ALA A 266 -11.21 -11.61 -15.94
N LEU A 267 -11.33 -10.57 -16.77
CA LEU A 267 -10.15 -9.90 -17.28
C LEU A 267 -9.90 -8.55 -16.61
N LEU A 268 -8.70 -8.37 -16.06
CA LEU A 268 -8.31 -7.11 -15.44
C LEU A 268 -7.54 -6.39 -16.54
N ILE A 269 -8.20 -5.42 -17.16
CA ILE A 269 -7.65 -4.69 -18.29
C ILE A 269 -7.94 -3.19 -18.31
N PRO A 270 -7.23 -2.45 -19.17
CA PRO A 270 -7.41 -1.00 -19.30
C PRO A 270 -8.66 -0.80 -20.17
N LYS A 271 -9.32 0.34 -20.03
CA LYS A 271 -10.54 0.59 -20.79
C LYS A 271 -10.35 0.50 -22.30
N GLU A 272 -9.14 0.77 -22.78
CA GLU A 272 -8.86 0.71 -24.22
C GLU A 272 -9.06 -0.68 -24.83
N LEU A 273 -9.00 -1.73 -24.01
CA LEU A 273 -9.16 -3.08 -24.53
C LEU A 273 -10.52 -3.72 -24.23
N SER A 274 -11.44 -2.92 -23.71
CA SER A 274 -12.77 -3.43 -23.36
C SER A 274 -13.55 -3.95 -24.57
N LYS A 275 -13.61 -3.16 -25.63
CA LYS A 275 -14.33 -3.56 -26.84
C LYS A 275 -13.83 -4.86 -27.46
N GLU A 276 -12.54 -5.15 -27.28
CA GLU A 276 -11.94 -6.34 -27.86
C GLU A 276 -12.35 -7.64 -27.15
N PHE A 277 -12.87 -7.51 -25.93
CA PHE A 277 -13.26 -8.69 -25.18
C PHE A 277 -14.70 -8.62 -24.66
N GLU A 278 -15.54 -7.82 -25.31
CA GLU A 278 -16.93 -7.69 -24.89
C GLU A 278 -17.60 -9.06 -24.92
N GLY A 279 -18.28 -9.39 -23.82
CA GLY A 279 -18.93 -10.69 -23.72
C GLY A 279 -18.34 -11.46 -22.53
N LEU A 280 -17.10 -11.14 -22.19
CA LEU A 280 -16.44 -11.77 -21.06
C LEU A 280 -16.46 -10.82 -19.87
N GLN A 281 -16.38 -11.38 -18.66
CA GLN A 281 -16.38 -10.56 -17.45
C GLN A 281 -15.11 -9.72 -17.41
N GLN A 282 -15.28 -8.42 -17.22
CA GLN A 282 -14.16 -7.49 -17.18
C GLN A 282 -14.13 -6.66 -15.91
N ILE A 283 -12.92 -6.27 -15.52
CA ILE A 283 -12.69 -5.41 -14.36
C ILE A 283 -11.76 -4.36 -14.95
N ILE A 284 -12.31 -3.17 -15.21
CA ILE A 284 -11.56 -2.08 -15.82
C ILE A 284 -10.65 -1.37 -14.83
N LEU A 285 -9.35 -1.50 -15.05
CA LEU A 285 -8.37 -0.89 -14.15
C LEU A 285 -8.22 0.62 -14.37
N GLY A 286 -8.48 1.06 -15.59
CA GLY A 286 -8.34 2.47 -15.90
C GLY A 286 -7.85 2.63 -17.33
N SER A 287 -7.26 3.78 -17.63
CA SER A 287 -6.76 4.04 -18.97
C SER A 287 -5.26 3.83 -19.13
N ASP A 288 -4.87 3.30 -20.29
CA ASP A 288 -3.46 3.06 -20.59
C ASP A 288 -2.72 4.40 -20.63
N GLU A 289 -3.45 5.48 -20.84
CA GLU A 289 -2.84 6.81 -20.94
C GLU A 289 -2.64 7.47 -19.58
N ASN A 290 -3.02 6.77 -18.51
CA ASN A 290 -2.87 7.31 -17.16
C ASN A 290 -2.70 6.19 -16.16
N LEU A 291 -1.45 5.77 -15.97
CA LEU A 291 -1.13 4.68 -15.05
C LEU A 291 -1.48 4.95 -13.59
N TYR A 292 -1.60 6.22 -13.21
CA TYR A 292 -1.97 6.54 -11.82
C TYR A 292 -3.40 6.09 -11.57
N GLU A 293 -4.19 6.06 -12.64
CA GLU A 293 -5.58 5.64 -12.56
C GLU A 293 -5.57 4.13 -12.31
N VAL A 294 -4.70 3.42 -13.02
CA VAL A 294 -4.58 1.98 -12.88
C VAL A 294 -4.11 1.65 -11.45
N ALA A 295 -3.13 2.42 -10.96
CA ALA A 295 -2.62 2.20 -9.61
C ALA A 295 -3.70 2.45 -8.56
N ARG A 296 -4.53 3.47 -8.76
CA ARG A 296 -5.59 3.79 -7.81
C ARG A 296 -6.65 2.70 -7.71
N ASN A 297 -6.89 1.99 -8.80
CA ASN A 297 -7.91 0.95 -8.86
C ASN A 297 -7.41 -0.48 -8.68
N LEU A 298 -6.10 -0.67 -8.62
CA LEU A 298 -5.52 -2.02 -8.53
C LEU A 298 -6.00 -2.93 -7.40
N PHE A 299 -5.80 -2.54 -6.15
CA PHE A 299 -6.20 -3.40 -5.04
C PHE A 299 -7.70 -3.66 -4.98
N ASP A 300 -8.51 -2.65 -5.30
CA ASP A 300 -9.94 -2.88 -5.27
C ASP A 300 -10.35 -3.83 -6.40
N SER A 301 -9.59 -3.83 -7.49
CA SER A 301 -9.89 -4.75 -8.59
C SER A 301 -9.67 -6.18 -8.11
N PHE A 302 -8.69 -6.37 -7.21
CA PHE A 302 -8.43 -7.69 -6.67
C PHE A 302 -9.59 -8.09 -5.76
N ARG A 303 -10.11 -7.13 -5.00
CA ARG A 303 -11.25 -7.43 -4.13
C ARG A 303 -12.45 -7.83 -4.97
N GLU A 304 -12.66 -7.13 -6.09
CA GLU A 304 -13.79 -7.46 -6.95
C GLU A 304 -13.64 -8.85 -7.54
N LEU A 305 -12.43 -9.22 -7.93
CA LEU A 305 -12.20 -10.53 -8.51
C LEU A 305 -12.69 -11.64 -7.58
N ASP A 306 -12.48 -11.47 -6.28
CA ASP A 306 -12.90 -12.48 -5.32
C ASP A 306 -14.41 -12.44 -5.02
N LYS A 307 -15.06 -11.33 -5.38
CA LYS A 307 -16.51 -11.22 -5.14
C LYS A 307 -17.25 -11.91 -6.27
N LEU A 308 -16.63 -11.92 -7.45
CA LEU A 308 -17.20 -12.54 -8.63
C LEU A 308 -17.11 -14.05 -8.48
N ASN A 309 -17.82 -14.78 -9.32
CA ASN A 309 -17.76 -16.23 -9.25
C ASN A 309 -17.09 -16.75 -10.49
N VAL A 310 -15.76 -16.65 -10.52
CA VAL A 310 -14.99 -17.10 -11.67
C VAL A 310 -13.90 -18.08 -11.28
N ASP A 311 -13.40 -18.83 -12.26
CA ASP A 311 -12.35 -19.80 -12.04
C ASP A 311 -10.99 -19.10 -11.93
N LEU A 312 -10.82 -18.01 -12.66
CA LEU A 312 -9.56 -17.30 -12.60
C LEU A 312 -9.58 -15.92 -13.23
N GLY A 313 -8.67 -15.09 -12.77
CA GLY A 313 -8.57 -13.74 -13.30
C GLY A 313 -7.36 -13.69 -14.22
N ILE A 314 -7.45 -12.90 -15.27
CA ILE A 314 -6.35 -12.75 -16.20
C ILE A 314 -6.08 -11.26 -16.34
N MSE A 315 -4.92 -10.84 -15.86
CA MSE A 315 -4.54 -9.43 -15.92
C MSE A 315 -3.46 -9.18 -16.96
O MSE A 315 -2.51 -9.95 -17.07
CB MSE A 315 -4.04 -8.95 -14.55
CG MSE A 315 -3.67 -7.47 -14.53
SE MSE A 315 -3.15 -6.90 -12.77
CE MSE A 315 -2.09 -5.37 -13.25
N ILE A 316 -3.61 -8.10 -17.71
CA ILE A 316 -2.62 -7.75 -18.73
C ILE A 316 -1.57 -6.84 -18.09
N GLY A 317 -0.34 -6.90 -18.61
CA GLY A 317 0.74 -6.08 -18.08
C GLY A 317 0.66 -4.62 -18.48
N PHE A 318 1.48 -3.80 -17.80
CA PHE A 318 1.54 -2.37 -18.06
C PHE A 318 3.00 -1.94 -18.14
N PRO A 319 3.27 -0.80 -18.79
CA PRO A 319 4.63 -0.31 -18.92
C PRO A 319 5.29 -0.17 -17.55
N GLU A 320 6.57 -0.54 -17.46
CA GLU A 320 7.28 -0.43 -16.20
C GLU A 320 8.05 0.87 -16.14
N ARG A 321 7.31 1.97 -16.25
CA ARG A 321 7.86 3.31 -16.19
C ARG A 321 7.06 4.03 -15.11
N GLY A 322 7.70 4.95 -14.38
CA GLY A 322 6.99 5.66 -13.33
C GLY A 322 6.32 4.72 -12.34
N ILE A 323 5.06 4.97 -12.03
CA ILE A 323 4.33 4.14 -11.07
C ILE A 323 4.01 2.76 -11.63
N GLY A 324 4.27 2.58 -12.93
CA GLY A 324 4.03 1.29 -13.54
C GLY A 324 4.88 0.21 -12.89
N PHE A 325 6.07 0.59 -12.44
CA PHE A 325 6.97 -0.36 -11.79
C PHE A 325 6.31 -0.91 -10.52
N ALA A 326 5.69 -0.03 -9.75
CA ALA A 326 5.01 -0.44 -8.52
C ALA A 326 3.78 -1.29 -8.85
N ILE A 327 3.04 -0.88 -9.88
CA ILE A 327 1.84 -1.63 -10.27
C ILE A 327 2.23 -3.07 -10.56
N MSE A 328 3.25 -3.25 -11.40
CA MSE A 328 3.67 -4.59 -11.76
C MSE A 328 4.26 -5.37 -10.59
O MSE A 328 4.12 -6.59 -10.50
CB MSE A 328 4.66 -4.54 -12.93
CG MSE A 328 4.03 -4.08 -14.23
SE MSE A 328 2.52 -5.16 -14.79
CE MSE A 328 3.51 -6.71 -15.37
N ASN A 329 4.94 -4.67 -9.67
CA ASN A 329 5.51 -5.31 -8.51
C ASN A 329 4.37 -5.91 -7.67
N ARG A 330 3.31 -5.14 -7.47
CA ARG A 330 2.18 -5.61 -6.69
C ARG A 330 1.44 -6.70 -7.45
N ALA A 331 1.32 -6.54 -8.76
CA ALA A 331 0.63 -7.50 -9.62
C ALA A 331 1.31 -8.85 -9.61
N ARG A 332 2.64 -8.86 -9.70
CA ARG A 332 3.36 -10.12 -9.70
C ARG A 332 3.09 -10.87 -8.40
N LYS A 333 3.21 -10.16 -7.27
CA LYS A 333 2.97 -10.75 -5.96
C LYS A 333 1.54 -11.28 -5.83
N ALA A 334 0.58 -10.47 -6.29
CA ALA A 334 -0.83 -10.86 -6.21
C ALA A 334 -1.13 -12.10 -7.04
N SER A 335 -0.37 -12.31 -8.12
CA SER A 335 -0.60 -13.47 -8.98
C SER A 335 0.19 -14.70 -8.53
N GLY A 336 0.88 -14.58 -7.40
CA GLY A 336 1.68 -15.69 -6.93
C GLY A 336 2.75 -15.97 -7.97
N PHE A 337 3.17 -14.89 -8.63
CA PHE A 337 4.18 -14.95 -9.67
C PHE A 337 3.83 -15.88 -10.82
N SER A 338 2.59 -15.80 -11.28
CA SER A 338 2.12 -16.60 -12.41
C SER A 338 2.24 -15.72 -13.65
N ILE A 339 3.48 -15.44 -14.05
CA ILE A 339 3.77 -14.59 -15.20
C ILE A 339 3.75 -15.34 -16.51
N ILE A 340 3.11 -14.74 -17.51
CA ILE A 340 3.01 -15.33 -18.83
C ILE A 340 3.68 -14.41 -19.85
N LYS A 341 4.82 -14.84 -20.38
CA LYS A 341 5.57 -14.07 -21.36
C LYS A 341 5.42 -14.72 -22.73
N ALA A 342 5.26 -16.04 -22.72
CA ALA A 342 5.06 -16.83 -23.93
C ALA A 342 3.80 -17.62 -23.66
N ILE A 343 2.93 -17.74 -24.66
CA ILE A 343 1.68 -18.45 -24.47
C ILE A 343 1.89 -19.87 -23.93
N SER A 344 3.05 -20.44 -24.18
CA SER A 344 3.33 -21.78 -23.70
C SER A 344 3.45 -21.82 -22.17
N ASP A 345 3.70 -20.65 -21.57
CA ASP A 345 3.81 -20.57 -20.12
C ASP A 345 2.50 -20.94 -19.43
N VAL A 346 1.40 -20.75 -20.15
CA VAL A 346 0.07 -21.07 -19.62
C VAL A 346 0.01 -22.48 -19.05
N TYR A 347 0.75 -23.39 -19.67
CA TYR A 347 0.78 -24.78 -19.21
C TYR A 347 1.17 -24.89 -17.74
N LYS A 348 2.05 -23.99 -17.31
CA LYS A 348 2.55 -23.96 -15.94
C LYS A 348 1.52 -23.65 -14.86
N TYR A 349 0.51 -22.83 -15.20
CA TYR A 349 -0.48 -22.44 -14.20
C TYR A 349 -1.94 -22.75 -14.53
N VAL A 350 -2.19 -23.88 -15.20
CA VAL A 350 -3.56 -24.25 -15.54
C VAL A 350 -3.61 -25.43 -16.50
N ASN A 351 -4.69 -26.20 -16.42
CA ASN A 351 -4.88 -27.36 -17.28
C ASN A 351 -5.51 -26.94 -18.61
MG MG B . 0.34 -4.44 4.41
P AMP C . 2.83 -1.70 5.24
O1P AMP C . 2.08 -0.47 4.89
O2P AMP C . 3.51 -2.37 3.93
O3P AMP C . 1.89 -2.83 5.89
O5' AMP C . 4.03 -1.42 6.28
C5' AMP C . 4.78 -2.50 6.83
C4' AMP C . 6.01 -2.83 6.00
O4' AMP C . 7.06 -1.85 6.14
C3' AMP C . 6.67 -4.09 6.56
O3' AMP C . 5.92 -5.22 6.10
C2' AMP C . 7.99 -4.01 5.81
O2' AMP C . 7.80 -4.42 4.44
C1' AMP C . 8.31 -2.52 5.88
N9 AMP C . 9.22 -2.25 7.02
C8 AMP C . 8.88 -1.74 8.19
N7 AMP C . 9.97 -1.62 8.96
C5 AMP C . 11.01 -2.06 8.27
C6 AMP C . 12.36 -2.19 8.54
N6 AMP C . 12.87 -1.80 9.70
N1 AMP C . 13.16 -2.71 7.59
C2 AMP C . 12.69 -3.07 6.42
N3 AMP C . 11.40 -2.97 6.13
C4 AMP C . 10.54 -2.47 7.03
#